data_4C3F
#
_entry.id   4C3F
#
_cell.length_a   58.088
_cell.length_b   44.596
_cell.length_c   120.254
_cell.angle_alpha   90.00
_cell.angle_beta   90.00
_cell.angle_gamma   90.00
#
_symmetry.space_group_name_H-M   'P 21 21 21'
#
loop_
_entity.id
_entity.type
_entity.pdbx_description
1 polymer 'TYROSINE-PROTEIN KINASE LCK'
2 non-polymer N-phenyl-4-(5-phenyl-1H-pyrazol-4-yl)pyrimidin-2-amine
3 water water
#
_entity_poly.entity_id   1
_entity_poly.type   'polypeptide(L)'
_entity_poly.pdbx_seq_one_letter_code
;GPEWEVPRETLKLVERLGAGQFGEVWMGYYNGHTKVAVKSLKQGSMSPDAFLAEANLMKQLQHQRLVRLYAVVTQEPIYI
ITEYMENGSLVDFLKTPSGIKLTINKLLDMAAQIAEGMAFIEERNYIHRNLRAANILVSDTLSCKIADFGLARLIEDNEY
TAREGAKFPIKWTAPEAINYGTFTIKSDVWSFGILLTEIVTHGRIPYPGMTNPEVIQNLERGYRMVRPDNCPEELYQLMR
LCWKERPEDRPTFDYLRSVLEDFFTAT
;
_entity_poly.pdbx_strand_id   A
#
# COMPACT_ATOMS: atom_id res chain seq x y z
N TRP A 4 -20.02 -6.44 -13.39
CA TRP A 4 -19.30 -6.40 -12.07
C TRP A 4 -19.99 -7.22 -11.00
N GLU A 5 -21.29 -7.00 -10.80
CA GLU A 5 -22.10 -7.82 -9.90
C GLU A 5 -22.10 -9.25 -10.42
N VAL A 6 -21.83 -10.24 -9.56
CA VAL A 6 -21.96 -11.61 -10.03
C VAL A 6 -22.69 -12.41 -9.01
N PRO A 7 -23.30 -13.55 -9.44
CA PRO A 7 -23.91 -14.42 -8.45
C PRO A 7 -22.87 -15.08 -7.51
N ARG A 8 -23.21 -15.24 -6.25
CA ARG A 8 -22.25 -15.82 -5.29
C ARG A 8 -21.77 -17.24 -5.71
N GLU A 9 -22.62 -18.01 -6.42
CA GLU A 9 -22.28 -19.38 -6.83
C GLU A 9 -21.17 -19.49 -7.90
N THR A 10 -20.83 -18.38 -8.55
CA THR A 10 -19.64 -18.31 -9.42
C THR A 10 -18.33 -18.37 -8.62
N LEU A 11 -18.43 -18.29 -7.29
CA LEU A 11 -17.28 -18.24 -6.43
C LEU A 11 -17.29 -19.31 -5.36
N LYS A 12 -16.10 -19.89 -5.18
CA LYS A 12 -15.89 -20.84 -4.14
C LYS A 12 -14.74 -20.37 -3.31
N LEU A 13 -14.98 -20.06 -2.03
CA LEU A 13 -13.93 -19.65 -1.10
C LEU A 13 -13.32 -20.89 -0.50
N VAL A 14 -12.00 -20.99 -0.62
CA VAL A 14 -11.28 -22.22 -0.24
C VAL A 14 -10.57 -22.11 1.05
N GLU A 15 -9.81 -21.03 1.20
CA GLU A 15 -8.94 -20.89 2.35
C GLU A 15 -8.88 -19.42 2.87
N ARG A 16 -9.01 -19.25 4.19
CA ARG A 16 -8.97 -17.91 4.76
C ARG A 16 -7.52 -17.45 4.84
N LEU A 17 -7.26 -16.26 4.28
CA LEU A 17 -5.95 -15.63 4.25
C LEU A 17 -5.78 -14.72 5.44
N GLY A 18 -6.85 -14.05 5.87
CA GLY A 18 -6.80 -13.30 7.10
C GLY A 18 -8.18 -12.96 7.61
N ALA A 19 -8.26 -12.64 8.89
CA ALA A 19 -9.46 -12.11 9.54
C ALA A 19 -9.13 -10.93 10.43
N GLY A 20 -9.91 -9.85 10.30
CA GLY A 20 -9.75 -8.70 11.19
C GLY A 20 -11.04 -8.05 11.68
N GLN A 21 -10.90 -6.81 12.13
CA GLN A 21 -11.99 -6.01 12.72
C GLN A 21 -13.23 -5.84 11.83
N PHE A 22 -13.02 -5.68 10.53
CA PHE A 22 -14.03 -5.36 9.57
C PHE A 22 -14.41 -6.44 8.57
N GLY A 23 -13.75 -7.59 8.68
CA GLY A 23 -14.00 -8.70 7.80
C GLY A 23 -12.85 -9.66 7.59
N GLU A 24 -12.88 -10.33 6.45
CA GLU A 24 -11.93 -11.40 6.13
C GLU A 24 -11.46 -11.34 4.71
N VAL A 25 -10.31 -11.97 4.41
CA VAL A 25 -9.88 -12.13 3.01
C VAL A 25 -9.63 -13.67 2.82
N TRP A 26 -10.15 -14.20 1.73
CA TRP A 26 -10.08 -15.66 1.35
C TRP A 26 -9.46 -15.81 -0.01
N MET A 27 -8.69 -16.89 -0.16
CA MET A 27 -8.36 -17.39 -1.47
C MET A 27 -9.50 -18.28 -1.95
N GLY A 28 -9.83 -18.15 -3.23
CA GLY A 28 -10.85 -18.98 -3.85
C GLY A 28 -10.71 -19.04 -5.34
N TYR A 29 -11.71 -19.65 -5.98
CA TYR A 29 -11.76 -19.75 -7.43
C TYR A 29 -13.01 -19.18 -8.01
N TYR A 30 -12.85 -18.54 -9.16
CA TYR A 30 -13.92 -17.79 -9.78
C TYR A 30 -14.14 -18.51 -11.11
N ASN A 31 -15.40 -18.81 -11.42
CA ASN A 31 -15.76 -19.52 -12.65
C ASN A 31 -14.99 -20.86 -12.76
N GLY A 32 -14.78 -21.53 -11.64
CA GLY A 32 -14.08 -22.81 -11.60
C GLY A 32 -12.55 -22.81 -11.65
N HIS A 33 -11.95 -21.93 -12.45
CA HIS A 33 -10.48 -22.01 -12.72
C HIS A 33 -9.63 -20.79 -12.31
N THR A 34 -10.23 -19.62 -12.18
CA THR A 34 -9.47 -18.40 -11.97
C THR A 34 -9.22 -18.19 -10.49
N LYS A 35 -7.95 -18.21 -10.10
CA LYS A 35 -7.57 -18.05 -8.70
C LYS A 35 -7.71 -16.58 -8.28
N VAL A 36 -8.50 -16.36 -7.25
CA VAL A 36 -8.87 -15.01 -6.82
C VAL A 36 -8.67 -14.84 -5.33
N ALA A 37 -8.63 -13.55 -4.89
CA ALA A 37 -8.78 -13.21 -3.47
C ALA A 37 -10.10 -12.47 -3.27
N VAL A 38 -10.77 -12.85 -2.19
CA VAL A 38 -12.13 -12.39 -1.86
C VAL A 38 -12.11 -11.67 -0.52
N LYS A 39 -12.38 -10.34 -0.56
CA LYS A 39 -12.52 -9.55 0.68
C LYS A 39 -14.03 -9.47 1.04
N SER A 40 -14.36 -9.91 2.23
CA SER A 40 -15.74 -9.85 2.72
C SER A 40 -15.93 -8.93 3.93
N LEU A 41 -17.05 -8.22 3.92
CA LEU A 41 -17.39 -7.27 4.96
C LEU A 41 -18.08 -7.92 6.14
N LYS A 42 -17.57 -7.69 7.32
CA LYS A 42 -18.27 -8.10 8.49
C LYS A 42 -19.43 -7.10 8.67
N GLN A 43 -20.67 -7.62 8.59
CA GLN A 43 -21.89 -6.77 8.71
C GLN A 43 -21.84 -5.84 9.94
N GLY A 44 -22.20 -4.57 9.69
CA GLY A 44 -22.19 -3.53 10.72
C GLY A 44 -20.91 -2.74 10.86
N SER A 45 -19.83 -3.23 10.24
CA SER A 45 -18.53 -2.56 10.38
C SER A 45 -18.62 -1.20 9.81
N MET A 46 -19.26 -1.13 8.66
CA MET A 46 -19.55 0.08 7.91
C MET A 46 -20.71 -0.31 6.98
N SER A 47 -21.23 0.66 6.26
CA SER A 47 -22.34 0.39 5.37
C SER A 47 -21.79 -0.31 4.13
N PRO A 48 -22.63 -1.12 3.48
CA PRO A 48 -22.26 -1.65 2.17
C PRO A 48 -21.67 -0.62 1.20
N ASP A 49 -22.25 0.58 1.11
CA ASP A 49 -21.75 1.60 0.16
C ASP A 49 -20.34 2.08 0.51
N ALA A 50 -20.06 2.22 1.81
CA ALA A 50 -18.75 2.63 2.28
C ALA A 50 -17.69 1.54 1.90
N PHE A 51 -18.10 0.27 2.00
CA PHE A 51 -17.17 -0.87 1.72
C PHE A 51 -16.88 -0.93 0.21
N LEU A 52 -17.94 -0.87 -0.60
CA LEU A 52 -17.84 -1.00 -2.04
C LEU A 52 -17.22 0.18 -2.71
N ALA A 53 -17.03 1.26 -1.98
CA ALA A 53 -16.31 2.38 -2.53
C ALA A 53 -14.90 1.98 -3.06
N GLU A 54 -14.23 1.08 -2.35
CA GLU A 54 -12.93 0.54 -2.79
C GLU A 54 -13.06 -0.07 -4.17
N ALA A 55 -14.14 -0.85 -4.37
CA ALA A 55 -14.39 -1.46 -5.67
C ALA A 55 -14.59 -0.42 -6.79
N ASN A 56 -15.49 0.54 -6.54
CA ASN A 56 -15.72 1.66 -7.47
C ASN A 56 -14.42 2.35 -7.88
N LEU A 57 -13.53 2.63 -6.92
CA LEU A 57 -12.21 3.22 -7.25
C LEU A 57 -11.29 2.37 -8.17
N MET A 58 -11.29 1.07 -7.93
CA MET A 58 -10.61 0.11 -8.80
C MET A 58 -11.13 0.23 -10.26
N LYS A 59 -12.46 0.35 -10.44
CA LYS A 59 -13.01 0.55 -11.77
C LYS A 59 -12.49 1.80 -12.41
N GLN A 60 -12.48 2.90 -11.67
CA GLN A 60 -12.07 4.19 -12.24
C GLN A 60 -10.59 4.26 -12.63
N LEU A 61 -9.74 3.60 -11.84
CA LEU A 61 -8.30 3.61 -12.06
C LEU A 61 -7.75 2.21 -12.37
N GLN A 62 -7.55 1.94 -13.66
CA GLN A 62 -7.02 0.67 -14.09
C GLN A 62 -5.62 0.82 -14.68
N HIS A 63 -4.69 0.00 -14.18
CA HIS A 63 -3.29 0.07 -14.57
C HIS A 63 -2.60 -1.22 -14.16
N GLN A 64 -1.57 -1.61 -14.88
CA GLN A 64 -0.85 -2.84 -14.58
C GLN A 64 -0.29 -2.85 -13.15
N ARG A 65 -0.03 -1.65 -12.60
CA ARG A 65 0.56 -1.59 -11.22
C ARG A 65 -0.45 -1.31 -10.11
N LEU A 66 -1.74 -1.34 -10.48
CA LEU A 66 -2.85 -1.18 -9.58
C LEU A 66 -3.69 -2.49 -9.46
N VAL A 67 -4.08 -2.85 -8.24
CA VAL A 67 -4.96 -3.99 -8.04
C VAL A 67 -6.24 -3.87 -8.89
N ARG A 68 -6.60 -4.94 -9.63
CA ARG A 68 -7.74 -4.90 -10.56
C ARG A 68 -9.01 -5.53 -9.98
N LEU A 69 -10.17 -4.93 -10.24
CA LEU A 69 -11.45 -5.49 -9.78
C LEU A 69 -11.89 -6.58 -10.75
N TYR A 70 -12.18 -7.76 -10.22
CA TYR A 70 -12.74 -8.87 -11.04
C TYR A 70 -14.27 -8.82 -10.97
N ALA A 71 -14.79 -8.60 -9.76
CA ALA A 71 -16.23 -8.64 -9.53
C ALA A 71 -16.58 -8.21 -8.14
N VAL A 72 -17.87 -8.05 -7.90
CA VAL A 72 -18.43 -7.83 -6.56
C VAL A 72 -19.65 -8.73 -6.29
N VAL A 73 -19.94 -8.99 -5.02
CA VAL A 73 -21.23 -9.63 -4.63
C VAL A 73 -21.89 -8.66 -3.65
N THR A 74 -23.04 -8.13 -4.04
CA THR A 74 -23.69 -7.04 -3.29
C THR A 74 -24.75 -7.47 -2.25
N GLN A 75 -25.04 -8.77 -2.12
CA GLN A 75 -25.86 -9.25 -1.02
C GLN A 75 -24.95 -9.77 0.09
N GLU A 76 -25.41 -9.66 1.33
CA GLU A 76 -24.61 -10.06 2.49
C GLU A 76 -24.33 -11.56 2.63
N PRO A 77 -23.08 -11.95 3.00
CA PRO A 77 -21.87 -11.10 3.19
C PRO A 77 -21.37 -10.46 1.87
N ILE A 78 -21.11 -9.15 1.90
CA ILE A 78 -20.65 -8.41 0.71
C ILE A 78 -19.18 -8.83 0.38
N TYR A 79 -18.90 -9.01 -0.91
CA TYR A 79 -17.60 -9.43 -1.44
C TYR A 79 -17.05 -8.45 -2.45
N ILE A 80 -15.74 -8.20 -2.34
CA ILE A 80 -14.95 -7.64 -3.39
C ILE A 80 -13.88 -8.68 -3.81
N ILE A 81 -13.79 -8.88 -5.12
CA ILE A 81 -12.94 -9.92 -5.73
C ILE A 81 -11.85 -9.38 -6.63
N THR A 82 -10.61 -9.84 -6.41
CA THR A 82 -9.47 -9.48 -7.24
C THR A 82 -8.57 -10.68 -7.54
N GLU A 83 -7.57 -10.47 -8.40
N GLU A 83 -7.57 -10.48 -8.40
CA GLU A 83 -6.52 -11.47 -8.71
CA GLU A 83 -6.56 -11.52 -8.70
C GLU A 83 -5.81 -11.95 -7.45
C GLU A 83 -5.81 -11.95 -7.44
N TYR A 84 -5.57 -13.26 -7.33
CA TYR A 84 -4.82 -13.78 -6.25
C TYR A 84 -3.34 -13.42 -6.49
N MET A 85 -2.70 -12.84 -5.48
CA MET A 85 -1.28 -12.47 -5.51
C MET A 85 -0.54 -13.41 -4.56
N GLU A 86 0.29 -14.27 -5.15
CA GLU A 86 0.93 -15.40 -4.43
C GLU A 86 1.69 -15.07 -3.17
N ASN A 87 2.36 -13.91 -3.19
CA ASN A 87 3.16 -13.48 -2.09
C ASN A 87 2.50 -12.45 -1.14
N GLY A 88 1.19 -12.17 -1.32
CA GLY A 88 0.46 -11.38 -0.30
C GLY A 88 1.00 -9.94 -0.21
N SER A 89 1.01 -9.43 1.01
CA SER A 89 1.37 -8.04 1.30
C SER A 89 2.91 -7.96 1.31
N LEU A 90 3.41 -6.91 0.63
CA LEU A 90 4.84 -6.58 0.60
C LEU A 90 5.48 -6.57 1.99
N VAL A 91 4.83 -5.97 2.96
CA VAL A 91 5.41 -5.84 4.31
C VAL A 91 5.68 -7.17 5.01
N ASP A 92 4.86 -8.17 4.65
CA ASP A 92 5.00 -9.54 5.18
C ASP A 92 6.04 -10.28 4.33
N PHE A 93 5.97 -10.09 3.02
CA PHE A 93 6.81 -10.83 2.08
C PHE A 93 8.30 -10.52 2.35
N LEU A 94 8.59 -9.24 2.63
CA LEU A 94 9.96 -8.77 2.86
C LEU A 94 10.63 -9.48 4.04
N LYS A 95 9.82 -9.95 4.99
CA LYS A 95 10.32 -10.59 6.23
C LYS A 95 10.55 -12.12 6.06
N THR A 96 10.00 -12.70 5.00
CA THR A 96 10.10 -14.14 4.72
C THR A 96 11.54 -14.51 4.30
N PRO A 97 11.89 -15.82 4.37
CA PRO A 97 13.19 -16.27 3.90
C PRO A 97 13.57 -15.79 2.52
N SER A 98 12.69 -16.02 1.54
CA SER A 98 12.87 -15.49 0.19
C SER A 98 12.99 -13.96 0.12
N GLY A 99 12.15 -13.24 0.88
CA GLY A 99 12.21 -11.75 0.87
C GLY A 99 13.51 -11.21 1.44
N ILE A 100 13.96 -11.79 2.55
CA ILE A 100 15.20 -11.34 3.18
C ILE A 100 16.42 -11.50 2.24
N LYS A 101 16.40 -12.47 1.34
CA LYS A 101 17.52 -12.74 0.41
C LYS A 101 17.52 -11.89 -0.86
N LEU A 102 16.48 -11.09 -1.10
CA LEU A 102 16.44 -10.26 -2.28
C LEU A 102 17.63 -9.30 -2.31
N THR A 103 18.16 -9.11 -3.51
CA THR A 103 19.21 -8.12 -3.79
C THR A 103 18.70 -6.68 -3.88
N ILE A 104 19.58 -5.70 -3.70
CA ILE A 104 19.17 -4.31 -3.76
C ILE A 104 18.60 -4.00 -5.14
N ASN A 105 19.17 -4.62 -6.20
CA ASN A 105 18.61 -4.48 -7.57
C ASN A 105 17.15 -4.85 -7.65
N LYS A 106 16.80 -5.98 -7.03
CA LYS A 106 15.45 -6.47 -7.10
C LYS A 106 14.53 -5.59 -6.22
N LEU A 107 14.98 -5.26 -5.01
CA LEU A 107 14.21 -4.34 -4.15
C LEU A 107 13.90 -3.02 -4.87
N LEU A 108 14.86 -2.43 -5.60
CA LEU A 108 14.59 -1.16 -6.28
C LEU A 108 13.74 -1.31 -7.54
N ASP A 109 13.79 -2.46 -8.18
CA ASP A 109 12.85 -2.72 -9.24
C ASP A 109 11.42 -2.70 -8.66
N MET A 110 11.23 -3.29 -7.49
N MET A 110 11.25 -3.29 -7.49
CA MET A 110 9.92 -3.29 -6.86
CA MET A 110 9.94 -3.30 -6.84
C MET A 110 9.51 -1.85 -6.49
C MET A 110 9.51 -1.87 -6.47
N ALA A 111 10.46 -1.09 -5.93
CA ALA A 111 10.19 0.34 -5.59
C ALA A 111 9.78 1.14 -6.85
N ALA A 112 10.45 0.88 -7.95
CA ALA A 112 10.15 1.54 -9.25
C ALA A 112 8.73 1.18 -9.75
N GLN A 113 8.33 -0.08 -9.57
CA GLN A 113 6.97 -0.48 -9.95
C GLN A 113 5.92 0.31 -9.15
N ILE A 114 6.16 0.42 -7.85
CA ILE A 114 5.26 1.20 -6.93
C ILE A 114 5.21 2.68 -7.34
N ALA A 115 6.36 3.28 -7.62
CA ALA A 115 6.42 4.66 -8.11
C ALA A 115 5.66 4.81 -9.46
N GLU A 116 5.75 3.82 -10.30
CA GLU A 116 5.04 3.86 -11.60
C GLU A 116 3.55 3.92 -11.37
N GLY A 117 3.03 3.07 -10.51
CA GLY A 117 1.63 3.08 -10.18
C GLY A 117 1.19 4.41 -9.57
N MET A 118 2.01 4.91 -8.64
CA MET A 118 1.79 6.26 -8.08
C MET A 118 1.87 7.41 -9.09
N ALA A 119 2.75 7.32 -10.10
CA ALA A 119 2.85 8.30 -11.16
C ALA A 119 1.54 8.35 -11.97
N PHE A 120 0.91 7.20 -12.13
CA PHE A 120 -0.43 7.10 -12.84
C PHE A 120 -1.50 7.75 -12.00
N ILE A 121 -1.58 7.43 -10.70
CA ILE A 121 -2.50 8.07 -9.77
C ILE A 121 -2.32 9.61 -9.77
N GLU A 122 -1.08 10.08 -9.70
CA GLU A 122 -0.74 11.53 -9.77
C GLU A 122 -1.26 12.11 -11.13
N GLU A 123 -0.91 11.45 -12.22
CA GLU A 123 -1.26 11.92 -13.59
C GLU A 123 -2.80 12.14 -13.73
N ARG A 124 -3.56 11.26 -13.11
CA ARG A 124 -5.02 11.24 -13.16
C ARG A 124 -5.65 12.10 -12.08
N ASN A 125 -4.83 12.82 -11.34
CA ASN A 125 -5.33 13.69 -10.27
C ASN A 125 -6.08 13.06 -9.14
N TYR A 126 -5.66 11.85 -8.75
CA TYR A 126 -6.17 11.21 -7.57
C TYR A 126 -5.06 11.29 -6.48
N ILE A 127 -5.40 10.84 -5.28
CA ILE A 127 -4.41 10.57 -4.20
C ILE A 127 -4.62 9.18 -3.62
N HIS A 128 -3.57 8.65 -2.98
CA HIS A 128 -3.67 7.37 -2.32
C HIS A 128 -4.24 7.54 -0.91
N ARG A 129 -3.51 8.22 -0.01
CA ARG A 129 -3.84 8.48 1.36
C ARG A 129 -3.43 7.39 2.35
N ASN A 130 -3.21 6.17 1.86
CA ASN A 130 -2.89 5.03 2.75
C ASN A 130 -1.65 4.26 2.24
N LEU A 131 -0.67 4.99 1.71
CA LEU A 131 0.46 4.39 1.02
C LEU A 131 1.51 3.93 2.02
N ARG A 132 1.76 2.63 2.00
CA ARG A 132 2.70 1.94 2.89
C ARG A 132 2.93 0.51 2.38
N ALA A 133 3.99 -0.18 2.84
CA ALA A 133 4.30 -1.50 2.35
C ALA A 133 3.13 -2.47 2.57
N ALA A 134 2.36 -2.28 3.66
CA ALA A 134 1.22 -3.17 3.95
C ALA A 134 0.15 -3.20 2.84
N ASN A 135 0.03 -2.10 2.09
CA ASN A 135 -0.96 -1.93 1.01
C ASN A 135 -0.43 -2.08 -0.40
N ILE A 136 0.72 -2.75 -0.51
CA ILE A 136 1.29 -3.23 -1.78
C ILE A 136 1.19 -4.79 -1.78
N LEU A 137 0.72 -5.33 -2.88
CA LEU A 137 0.62 -6.81 -3.04
C LEU A 137 1.69 -7.29 -4.03
N VAL A 138 2.16 -8.50 -3.83
CA VAL A 138 3.30 -9.03 -4.55
C VAL A 138 2.99 -10.39 -5.16
N SER A 139 3.24 -10.49 -6.46
CA SER A 139 2.94 -11.71 -7.25
C SER A 139 4.04 -12.75 -7.18
N ASP A 140 3.75 -13.91 -7.75
CA ASP A 140 4.74 -15.01 -7.77
C ASP A 140 6.02 -14.60 -8.51
N THR A 141 5.88 -13.74 -9.51
CA THR A 141 7.02 -13.18 -10.26
C THR A 141 7.60 -11.90 -9.64
N LEU A 142 7.17 -11.57 -8.42
CA LEU A 142 7.61 -10.37 -7.68
C LEU A 142 7.16 -9.05 -8.30
N SER A 143 6.14 -9.10 -9.14
CA SER A 143 5.57 -7.87 -9.58
C SER A 143 4.61 -7.32 -8.46
N CYS A 144 4.63 -5.99 -8.34
CA CYS A 144 3.96 -5.30 -7.28
C CYS A 144 2.72 -4.60 -7.78
N LYS A 145 1.66 -4.62 -6.98
CA LYS A 145 0.42 -3.90 -7.29
C LYS A 145 -0.06 -3.09 -6.07
N ILE A 146 -0.45 -1.85 -6.33
CA ILE A 146 -0.99 -0.93 -5.28
C ILE A 146 -2.47 -1.25 -4.96
N ALA A 147 -2.74 -1.52 -3.69
CA ALA A 147 -4.09 -1.72 -3.20
C ALA A 147 -4.59 -0.58 -2.34
N ASP A 148 -5.91 -0.55 -2.17
CA ASP A 148 -6.53 0.35 -1.17
C ASP A 148 -6.23 1.82 -1.41
N PHE A 149 -6.32 2.23 -2.67
CA PHE A 149 -6.04 3.58 -3.12
C PHE A 149 -7.31 4.39 -3.25
N GLY A 150 -7.18 5.67 -2.97
CA GLY A 150 -8.19 6.63 -3.35
C GLY A 150 -9.35 6.69 -2.38
N LEU A 151 -9.26 5.99 -1.26
CA LEU A 151 -10.33 5.94 -0.28
C LEU A 151 -10.51 7.29 0.43
N ALA A 152 -11.74 7.55 0.86
CA ALA A 152 -12.06 8.74 1.66
C ALA A 152 -11.52 8.64 3.12
N ARG A 153 -11.09 7.44 3.51
CA ARG A 153 -10.82 7.14 4.89
C ARG A 153 -9.40 6.61 5.11
N LEU A 154 -8.89 6.77 6.31
CA LEU A 154 -7.60 6.22 6.69
C LEU A 154 -7.79 4.81 7.25
N ILE A 155 -7.13 3.83 6.65
CA ILE A 155 -7.28 2.42 7.05
C ILE A 155 -6.21 1.95 8.02
N GLU A 156 -6.57 0.93 8.82
CA GLU A 156 -5.65 0.22 9.66
C GLU A 156 -5.38 -1.19 9.10
N ASP A 157 -4.16 -1.65 9.38
CA ASP A 157 -3.67 -2.97 8.86
C ASP A 157 -4.39 -4.17 9.51
N ASN A 158 -4.99 -3.98 10.68
CA ASN A 158 -5.73 -5.06 11.35
C ASN A 158 -7.21 -5.15 11.00
N GLU A 159 -7.64 -4.49 9.91
CA GLU A 159 -9.05 -4.51 9.53
C GLU A 159 -9.43 -5.88 8.96
N TYR A 160 -8.51 -6.48 8.17
CA TYR A 160 -8.77 -7.78 7.48
C TYR A 160 -7.71 -8.86 7.70
N THR A 161 -6.76 -8.62 8.63
CA THR A 161 -5.85 -9.63 9.18
C THR A 161 -5.49 -9.31 10.61
N ALA A 162 -5.00 -10.31 11.31
CA ALA A 162 -4.59 -10.12 12.71
C ALA A 162 -3.22 -9.45 12.73
N ARG A 163 -3.01 -8.53 13.68
CA ARG A 163 -1.73 -7.82 13.78
C ARG A 163 -1.40 -7.56 15.26
N PHE A 168 -2.82 3.45 16.16
CA PHE A 168 -3.23 4.01 14.86
C PHE A 168 -1.99 4.37 14.02
N PRO A 169 -2.03 4.11 12.72
CA PRO A 169 -0.89 4.41 11.87
C PRO A 169 -0.69 5.92 11.68
N ILE A 170 0.45 6.40 12.16
N ILE A 170 0.48 6.35 12.13
CA ILE A 170 0.88 7.77 11.89
CA ILE A 170 0.91 7.74 12.06
C ILE A 170 2.30 7.85 11.35
C ILE A 170 2.29 7.86 11.40
N LYS A 171 3.05 6.75 11.35
CA LYS A 171 4.45 6.79 10.93
C LYS A 171 4.65 7.03 9.43
N TRP A 172 3.58 7.01 8.65
CA TRP A 172 3.65 7.31 7.22
C TRP A 172 3.04 8.66 6.85
N THR A 173 2.57 9.40 7.85
CA THR A 173 1.78 10.62 7.63
C THR A 173 2.65 11.90 7.62
N ALA A 174 2.52 12.69 6.55
CA ALA A 174 3.31 13.88 6.39
C ALA A 174 2.90 14.90 7.44
N PRO A 175 3.83 15.80 7.82
CA PRO A 175 3.53 16.79 8.89
C PRO A 175 2.28 17.66 8.65
N GLU A 176 2.07 18.10 7.40
CA GLU A 176 0.86 18.89 7.12
C GLU A 176 -0.43 18.13 7.31
N ALA A 177 -0.38 16.81 7.16
CA ALA A 177 -1.56 15.98 7.34
C ALA A 177 -1.80 15.72 8.84
N ILE A 178 -0.71 15.53 9.57
CA ILE A 178 -0.80 15.43 11.02
C ILE A 178 -1.38 16.73 11.58
N ASN A 179 -0.85 17.90 11.20
CA ASN A 179 -1.18 19.15 11.87
C ASN A 179 -2.51 19.79 11.43
N TYR A 180 -2.86 19.69 10.14
CA TYR A 180 -4.09 20.33 9.67
C TYR A 180 -5.01 19.43 8.89
N GLY A 181 -4.74 18.13 8.84
CA GLY A 181 -5.49 17.24 7.96
C GLY A 181 -5.40 17.52 6.46
N THR A 182 -4.33 18.15 6.04
CA THR A 182 -4.14 18.46 4.62
C THR A 182 -3.52 17.25 3.91
N PHE A 183 -4.33 16.50 3.17
CA PHE A 183 -3.82 15.37 2.35
C PHE A 183 -3.78 15.71 0.86
N THR A 184 -2.60 15.53 0.21
CA THR A 184 -2.44 15.76 -1.26
C THR A 184 -1.52 14.68 -1.85
N ILE A 185 -1.28 14.69 -3.16
CA ILE A 185 -0.33 13.78 -3.73
C ILE A 185 1.04 13.96 -3.08
N LYS A 186 1.34 15.17 -2.61
CA LYS A 186 2.65 15.44 -1.98
C LYS A 186 2.74 14.78 -0.57
N SER A 187 1.64 14.64 0.13
CA SER A 187 1.67 13.77 1.36
C SER A 187 1.87 12.32 1.01
N ASP A 188 1.40 11.84 -0.13
CA ASP A 188 1.74 10.52 -0.62
C ASP A 188 3.24 10.35 -0.94
N VAL A 189 3.85 11.37 -1.52
CA VAL A 189 5.27 11.37 -1.82
C VAL A 189 6.03 11.13 -0.47
N TRP A 190 5.63 11.85 0.55
CA TRP A 190 6.17 11.64 1.95
C TRP A 190 6.07 10.17 2.37
N SER A 191 4.87 9.64 2.30
CA SER A 191 4.59 8.25 2.59
C SER A 191 5.46 7.29 1.79
N PHE A 192 5.64 7.57 0.49
CA PHE A 192 6.49 6.78 -0.34
C PHE A 192 7.96 6.75 0.21
N GLY A 193 8.47 7.91 0.64
CA GLY A 193 9.85 7.95 1.23
C GLY A 193 9.94 6.98 2.40
N ILE A 194 8.87 6.97 3.20
CA ILE A 194 8.83 6.05 4.37
C ILE A 194 8.76 4.58 3.91
N LEU A 195 7.96 4.30 2.87
CA LEU A 195 7.86 3.02 2.22
C LEU A 195 9.23 2.54 1.71
N LEU A 196 10.05 3.45 1.17
CA LEU A 196 11.40 3.07 0.73
C LEU A 196 12.27 2.55 1.91
N THR A 197 12.08 3.09 3.07
CA THR A 197 12.78 2.56 4.24
C THR A 197 12.34 1.15 4.60
N GLU A 198 11.04 0.89 4.48
CA GLU A 198 10.53 -0.49 4.58
C GLU A 198 11.17 -1.45 3.59
N ILE A 199 11.25 -1.04 2.32
CA ILE A 199 11.83 -1.87 1.29
C ILE A 199 13.28 -2.26 1.60
N VAL A 200 14.08 -1.34 2.09
CA VAL A 200 15.54 -1.64 2.15
C VAL A 200 15.93 -2.22 3.49
N THR A 201 15.00 -2.32 4.43
CA THR A 201 15.25 -2.86 5.77
C THR A 201 14.54 -4.21 6.01
N HIS A 202 14.19 -4.83 4.91
CA HIS A 202 13.42 -6.04 4.85
C HIS A 202 12.21 -6.00 5.77
N GLY A 203 11.47 -4.89 5.64
CA GLY A 203 10.19 -4.78 6.24
C GLY A 203 10.14 -4.24 7.65
N ARG A 204 11.24 -3.67 8.12
CA ARG A 204 11.29 -3.14 9.47
C ARG A 204 10.33 -1.93 9.64
N ILE A 205 9.76 -1.83 10.85
CA ILE A 205 8.89 -0.69 11.22
C ILE A 205 9.66 0.62 11.17
N PRO A 206 9.03 1.69 10.61
CA PRO A 206 9.76 2.96 10.60
C PRO A 206 9.97 3.52 11.99
N TYR A 207 10.95 4.43 12.12
CA TYR A 207 11.26 5.09 13.40
C TYR A 207 11.38 4.03 14.51
N PRO A 208 12.28 3.11 14.30
CA PRO A 208 12.35 1.94 15.24
C PRO A 208 12.56 2.41 16.68
N GLY A 209 11.74 1.90 17.61
CA GLY A 209 11.83 2.34 19.00
C GLY A 209 11.51 3.81 19.23
N MET A 210 10.56 4.35 18.44
CA MET A 210 9.72 5.43 18.87
C MET A 210 8.30 4.92 18.78
N THR A 211 7.48 5.40 19.70
CA THR A 211 6.03 5.23 19.69
C THR A 211 5.46 6.32 18.81
N ASN A 212 4.17 6.22 18.52
CA ASN A 212 3.52 7.21 17.67
C ASN A 212 3.55 8.64 18.23
N PRO A 213 3.35 8.81 19.57
CA PRO A 213 3.47 10.18 20.12
C PRO A 213 4.90 10.76 20.07
N GLU A 214 5.87 9.88 20.24
CA GLU A 214 7.24 10.26 20.19
C GLU A 214 7.62 10.68 18.73
N VAL A 215 7.09 9.94 17.74
CA VAL A 215 7.29 10.35 16.31
C VAL A 215 6.70 11.73 16.09
N ILE A 216 5.47 11.98 16.56
CA ILE A 216 4.86 13.30 16.39
C ILE A 216 5.68 14.41 17.06
N GLN A 217 6.14 14.19 18.28
CA GLN A 217 7.06 15.14 18.95
C GLN A 217 8.36 15.41 18.19
N ASN A 218 8.98 14.36 17.68
CA ASN A 218 10.18 14.48 16.91
C ASN A 218 9.91 15.25 15.54
N LEU A 219 8.81 14.93 14.90
CA LEU A 219 8.47 15.70 13.66
C LEU A 219 8.24 17.15 13.92
N GLU A 220 7.68 17.52 15.07
N GLU A 220 7.68 17.52 15.07
CA GLU A 220 7.55 18.93 15.43
CA GLU A 220 7.55 18.92 15.41
C GLU A 220 8.91 19.63 15.44
C GLU A 220 8.92 19.64 15.45
N ARG A 221 9.96 18.93 15.86
CA ARG A 221 11.32 19.43 15.84
C ARG A 221 12.10 19.21 14.57
N GLY A 222 11.42 18.75 13.47
CA GLY A 222 12.14 18.56 12.20
C GLY A 222 12.95 17.30 12.03
N TYR A 223 12.73 16.28 12.90
CA TYR A 223 13.44 15.04 12.83
C TYR A 223 13.31 14.28 11.56
N ARG A 224 14.41 13.75 11.08
CA ARG A 224 14.40 12.80 9.93
C ARG A 224 15.18 11.54 10.26
N MET A 225 14.68 10.36 9.85
CA MET A 225 15.43 9.10 10.02
C MET A 225 16.81 9.16 9.35
N VAL A 226 17.80 8.51 9.99
CA VAL A 226 19.11 8.30 9.36
C VAL A 226 19.07 7.27 8.23
N ARG A 227 20.12 7.28 7.42
CA ARG A 227 20.31 6.28 6.40
C ARG A 227 20.26 4.86 6.95
N PRO A 228 19.31 4.03 6.46
CA PRO A 228 19.32 2.63 6.93
C PRO A 228 20.60 1.83 6.53
N ASP A 229 20.98 0.83 7.33
CA ASP A 229 22.20 0.06 6.99
C ASP A 229 22.33 -0.44 5.52
N ASN A 230 21.28 -1.05 4.99
CA ASN A 230 21.36 -1.62 3.63
C ASN A 230 21.04 -0.60 2.51
N CYS A 231 21.43 0.67 2.68
CA CYS A 231 20.85 1.69 1.83
C CYS A 231 21.90 2.49 1.09
N PRO A 232 21.88 2.45 -0.26
CA PRO A 232 22.74 3.31 -1.03
C PRO A 232 22.55 4.80 -0.69
N GLU A 233 23.63 5.58 -0.68
CA GLU A 233 23.53 7.01 -0.34
C GLU A 233 22.57 7.77 -1.30
N GLU A 234 22.60 7.45 -2.58
CA GLU A 234 21.74 8.11 -3.57
C GLU A 234 20.25 7.84 -3.22
N LEU A 235 19.97 6.63 -2.75
CA LEU A 235 18.57 6.28 -2.37
C LEU A 235 18.15 7.05 -1.11
N TYR A 236 19.10 7.18 -0.16
CA TYR A 236 18.85 8.05 1.01
C TYR A 236 18.59 9.52 0.64
N GLN A 237 19.29 10.07 -0.34
CA GLN A 237 19.06 11.43 -0.71
C GLN A 237 17.65 11.59 -1.38
N LEU A 238 17.20 10.54 -2.05
CA LEU A 238 15.81 10.49 -2.59
C LEU A 238 14.82 10.46 -1.47
N MET A 239 15.05 9.66 -0.41
CA MET A 239 14.16 9.71 0.75
C MET A 239 14.09 11.11 1.35
N ARG A 240 15.26 11.77 1.50
CA ARG A 240 15.28 13.08 2.10
C ARG A 240 14.49 14.12 1.32
N LEU A 241 14.52 14.00 -0.02
CA LEU A 241 13.66 14.82 -0.90
C LEU A 241 12.17 14.54 -0.70
N CYS A 242 11.81 13.28 -0.56
CA CYS A 242 10.42 12.92 -0.19
C CYS A 242 9.93 13.53 1.09
N TRP A 243 10.84 13.73 2.07
CA TRP A 243 10.57 14.26 3.36
C TRP A 243 10.88 15.75 3.54
N LYS A 244 10.96 16.54 2.45
CA LYS A 244 11.09 17.98 2.61
C LYS A 244 9.90 18.51 3.40
N GLU A 245 10.13 19.46 4.27
CA GLU A 245 9.08 19.99 5.11
C GLU A 245 7.91 20.59 4.24
N ARG A 246 8.31 21.44 3.32
CA ARG A 246 7.28 22.12 2.44
C ARG A 246 6.90 21.11 1.32
N PRO A 247 5.59 20.89 1.12
CA PRO A 247 5.16 19.86 0.10
C PRO A 247 5.64 20.16 -1.33
N GLU A 248 5.68 21.46 -1.67
CA GLU A 248 6.17 21.87 -3.01
C GLU A 248 7.63 21.49 -3.30
N ASP A 249 8.45 21.30 -2.22
CA ASP A 249 9.84 20.85 -2.34
C ASP A 249 10.06 19.35 -2.55
N ARG A 250 8.98 18.56 -2.46
CA ARG A 250 9.02 17.13 -2.66
C ARG A 250 8.89 16.79 -4.17
N PRO A 251 9.59 15.77 -4.64
CA PRO A 251 9.57 15.44 -6.09
C PRO A 251 8.23 14.90 -6.55
N THR A 252 7.99 14.91 -7.86
CA THR A 252 6.83 14.18 -8.32
C THR A 252 7.10 12.69 -8.37
N PHE A 253 6.04 11.92 -8.41
CA PHE A 253 6.12 10.48 -8.70
C PHE A 253 6.67 10.15 -10.07
N ASP A 254 6.38 11.02 -11.04
CA ASP A 254 7.02 10.94 -12.37
C ASP A 254 8.52 10.91 -12.28
N TYR A 255 9.08 11.83 -11.48
CA TYR A 255 10.51 11.91 -11.27
C TYR A 255 11.02 10.67 -10.49
N LEU A 256 10.35 10.33 -9.38
CA LEU A 256 10.74 9.15 -8.57
C LEU A 256 10.81 7.87 -9.41
N ARG A 257 9.78 7.64 -10.23
CA ARG A 257 9.78 6.48 -11.14
C ARG A 257 11.02 6.50 -12.00
N SER A 258 11.27 7.63 -12.64
CA SER A 258 12.42 7.68 -13.59
C SER A 258 13.77 7.40 -12.91
N VAL A 259 14.00 7.98 -11.75
CA VAL A 259 15.22 7.73 -11.02
C VAL A 259 15.37 6.26 -10.57
N LEU A 260 14.30 5.66 -10.08
CA LEU A 260 14.33 4.27 -9.59
C LEU A 260 14.49 3.28 -10.74
N GLU A 261 13.86 3.57 -11.86
CA GLU A 261 13.96 2.67 -13.00
C GLU A 261 15.42 2.62 -13.52
N ASP A 262 16.08 3.76 -13.53
CA ASP A 262 17.43 3.92 -14.05
C ASP A 262 18.50 3.87 -12.95
N PHE A 263 18.16 3.34 -11.77
CA PHE A 263 19.06 3.48 -10.61
C PHE A 263 20.42 2.78 -10.78
N PHE A 264 20.40 1.58 -11.33
CA PHE A 264 21.65 0.89 -11.64
C PHE A 264 21.93 1.05 -13.13
#